data_3VP0
#
_entry.id   3VP0
#
_cell.length_a   139.736
_cell.length_b   139.736
_cell.length_c   156.648
_cell.angle_alpha   90.00
_cell.angle_beta   90.00
_cell.angle_gamma   90.00
#
_symmetry.space_group_name_H-M   'I 41 2 2'
#
loop_
_entity.id
_entity.type
_entity.pdbx_description
1 polymer 'Glutaminase kidney isoform, mitochondrial'
2 non-polymer GLUTAMINE
3 non-polymer 'SULFATE ION'
4 water water
#
_entity_poly.entity_id   1
_entity_poly.type   'polypeptide(L)'
_entity_poly.pdbx_seq_one_letter_code
;SMIPDFMSFTSHIDELYESAKKQSGGKVADYIPQLAKFSPDLWGVSVCTVDGQRHSTGDTKVPFCLQSCVKPLKYAIAVN
DLGTEYVHRYVGKEPSGLRFNKLFLNEDDKPHNPMVNAGAIVVTSLIKQGVNNAEKFDYVMQFLNKMAGNEYVGFSNATF
QSERESGDRNFAIGYYLKEKKCFPEGTDMVGILDFYFQLCSIEVTCESASVMAATLANGGFCPITGERVLSPEAVRNTLS
LMHSCGMYDFSGQFAFHVGLPAKSGVAGGILLVVPNVMGMMCWSPPLDKMGNSVKGIHFCHDLVSLCNFHNYDNL
;
_entity_poly.pdbx_strand_id   A
#
# COMPACT_ATOMS: atom_id res chain seq x y z
N SER A 1 -12.81 -19.31 -7.46
CA SER A 1 -12.07 -20.58 -7.72
C SER A 1 -11.37 -21.07 -6.45
N MET A 2 -10.86 -22.30 -6.52
CA MET A 2 -10.12 -22.93 -5.42
C MET A 2 -10.45 -22.53 -3.98
N ILE A 3 -11.73 -22.33 -3.65
CA ILE A 3 -12.07 -22.01 -2.27
C ILE A 3 -12.36 -23.36 -1.59
N PRO A 4 -13.51 -23.99 -1.87
CA PRO A 4 -14.63 -23.64 -2.77
C PRO A 4 -15.83 -23.24 -1.91
N ASP A 5 -15.65 -23.37 -0.60
CA ASP A 5 -16.68 -23.03 0.38
C ASP A 5 -16.24 -21.84 1.25
N PHE A 6 -16.70 -20.65 0.87
CA PHE A 6 -16.37 -19.42 1.58
C PHE A 6 -16.66 -19.52 3.08
N MET A 7 -17.79 -20.13 3.39
CA MET A 7 -18.21 -20.32 4.77
C MET A 7 -17.14 -20.97 5.63
N SER A 8 -16.55 -22.05 5.14
CA SER A 8 -15.52 -22.78 5.88
C SER A 8 -14.18 -22.04 5.84
N PHE A 9 -13.94 -21.32 4.76
CA PHE A 9 -12.71 -20.54 4.60
C PHE A 9 -12.70 -19.47 5.69
N THR A 10 -13.84 -18.83 5.87
CA THR A 10 -14.01 -17.79 6.86
C THR A 10 -13.68 -18.28 8.26
N SER A 11 -14.06 -19.52 8.57
CA SER A 11 -13.80 -20.11 9.87
C SER A 11 -12.29 -20.21 10.11
N HIS A 12 -11.55 -20.52 9.05
CA HIS A 12 -10.10 -20.64 9.15
C HIS A 12 -9.42 -19.27 9.28
N ILE A 13 -10.02 -18.25 8.70
CA ILE A 13 -9.47 -16.91 8.81
C ILE A 13 -9.59 -16.47 10.26
N ASP A 14 -10.77 -16.66 10.85
CA ASP A 14 -11.00 -16.29 12.23
C ASP A 14 -10.03 -17.02 13.15
N GLU A 15 -9.69 -18.25 12.79
CA GLU A 15 -8.75 -19.06 13.59
C GLU A 15 -7.33 -18.48 13.47
N LEU A 16 -6.97 -18.06 12.26
CA LEU A 16 -5.66 -17.47 12.02
C LEU A 16 -5.60 -16.11 12.72
N TYR A 17 -6.74 -15.41 12.70
CA TYR A 17 -6.86 -14.11 13.34
C TYR A 17 -6.64 -14.24 14.84
N GLU A 18 -7.20 -15.30 15.41
CA GLU A 18 -7.11 -15.56 16.83
C GLU A 18 -5.70 -15.95 17.23
N SER A 19 -5.02 -16.65 16.33
CA SER A 19 -3.65 -17.09 16.58
C SER A 19 -2.71 -15.89 16.57
N ALA A 20 -2.88 -15.02 15.59
CA ALA A 20 -2.03 -13.82 15.48
C ALA A 20 -2.20 -12.92 16.68
N LYS A 21 -3.44 -12.82 17.17
CA LYS A 21 -3.79 -11.99 18.32
C LYS A 21 -2.86 -12.21 19.51
N LYS A 22 -2.49 -13.46 19.74
CA LYS A 22 -1.61 -13.80 20.86
C LYS A 22 -0.22 -13.19 20.70
N GLN A 23 0.12 -12.77 19.50
CA GLN A 23 1.43 -12.16 19.23
C GLN A 23 1.37 -10.69 19.65
N SER A 24 1.90 -10.40 20.83
CA SER A 24 1.84 -9.04 21.36
C SER A 24 3.10 -8.19 21.19
N GLY A 25 4.15 -8.79 20.63
CA GLY A 25 5.40 -8.04 20.43
C GLY A 25 5.28 -6.87 19.47
N GLY A 26 6.38 -6.15 19.31
CA GLY A 26 6.38 -5.01 18.41
C GLY A 26 6.28 -3.67 19.11
N LYS A 27 6.53 -2.61 18.36
CA LYS A 27 6.48 -1.25 18.87
C LYS A 27 5.62 -0.42 17.92
N VAL A 28 4.77 0.43 18.47
CA VAL A 28 3.90 1.29 17.65
C VAL A 28 4.73 2.48 17.18
N ALA A 29 4.63 2.83 15.91
CA ALA A 29 5.40 3.96 15.40
C ALA A 29 5.11 5.19 16.26
N ASP A 30 6.14 6.00 16.51
CA ASP A 30 5.95 7.18 17.34
C ASP A 30 6.76 8.39 16.88
N TYR A 31 7.13 8.45 15.61
CA TYR A 31 7.89 9.60 15.17
C TYR A 31 7.02 10.84 15.10
N ILE A 32 5.70 10.64 15.11
CA ILE A 32 4.71 11.72 15.14
C ILE A 32 3.63 11.25 16.11
N PRO A 33 2.97 12.19 16.81
CA PRO A 33 1.91 11.86 17.77
C PRO A 33 0.72 11.10 17.19
N GLN A 34 0.33 11.44 15.97
CA GLN A 34 -0.79 10.78 15.31
C GLN A 34 -0.64 9.26 15.20
N LEU A 35 0.60 8.78 15.23
CA LEU A 35 0.83 7.35 15.15
C LEU A 35 0.99 6.75 16.54
N ALA A 36 1.67 7.49 17.42
CA ALA A 36 1.88 7.04 18.79
C ALA A 36 0.56 6.86 19.54
N LYS A 37 -0.45 7.66 19.19
CA LYS A 37 -1.77 7.60 19.80
C LYS A 37 -2.33 6.18 19.83
N PHE A 38 -2.10 5.43 18.76
CA PHE A 38 -2.67 4.11 18.63
C PHE A 38 -2.37 3.03 19.62
N SER A 39 -3.42 2.27 19.94
CA SER A 39 -3.33 1.17 20.88
C SER A 39 -2.69 -0.05 20.25
N PRO A 40 -1.71 -0.66 20.93
CA PRO A 40 -1.07 -1.85 20.38
C PRO A 40 -2.01 -3.03 20.23
N ASP A 41 -3.17 -2.96 20.89
CA ASP A 41 -4.11 -4.08 20.83
C ASP A 41 -5.08 -4.07 19.65
N LEU A 42 -5.13 -2.96 18.91
CA LEU A 42 -6.00 -2.91 17.75
C LEU A 42 -5.53 -4.00 16.78
N TRP A 43 -6.47 -4.75 16.23
CA TRP A 43 -6.12 -5.85 15.32
C TRP A 43 -7.33 -6.21 14.46
N GLY A 44 -7.27 -5.89 13.18
CA GLY A 44 -8.37 -6.21 12.30
C GLY A 44 -7.92 -6.89 11.02
N VAL A 45 -8.80 -7.71 10.44
CA VAL A 45 -8.52 -8.42 9.20
C VAL A 45 -9.78 -8.44 8.35
N SER A 46 -9.73 -7.85 7.16
CA SER A 46 -10.88 -7.84 6.27
C SER A 46 -10.53 -8.51 4.94
N VAL A 47 -11.47 -9.32 4.45
CA VAL A 47 -11.30 -10.02 3.20
C VAL A 47 -12.39 -9.59 2.22
N CYS A 48 -12.05 -9.61 0.94
CA CYS A 48 -12.99 -9.26 -0.11
C CYS A 48 -12.57 -10.07 -1.33
N THR A 49 -13.34 -11.11 -1.62
CA THR A 49 -13.06 -12.01 -2.74
C THR A 49 -13.30 -11.32 -4.08
N VAL A 50 -12.96 -12.03 -5.14
CA VAL A 50 -13.12 -11.55 -6.50
C VAL A 50 -14.60 -11.44 -6.88
N ASP A 51 -15.46 -12.15 -6.16
CA ASP A 51 -16.90 -12.10 -6.41
C ASP A 51 -17.43 -10.84 -5.75
N GLY A 52 -17.26 -10.77 -4.43
CA GLY A 52 -17.72 -9.63 -3.67
C GLY A 52 -18.08 -10.13 -2.29
N GLN A 53 -17.72 -11.38 -2.01
CA GLN A 53 -17.99 -11.97 -0.72
C GLN A 53 -17.06 -11.29 0.29
N ARG A 54 -17.64 -10.86 1.41
CA ARG A 54 -16.88 -10.15 2.43
C ARG A 54 -16.80 -10.93 3.75
N HIS A 55 -15.92 -10.47 4.63
CA HIS A 55 -15.74 -11.05 5.95
C HIS A 55 -14.71 -10.26 6.75
N SER A 56 -15.12 -9.82 7.93
CA SER A 56 -14.22 -9.06 8.79
C SER A 56 -14.13 -9.71 10.15
N THR A 57 -13.12 -9.31 10.92
CA THR A 57 -12.91 -9.84 12.25
C THR A 57 -11.98 -8.87 12.94
N GLY A 58 -12.38 -8.42 14.12
CA GLY A 58 -11.55 -7.50 14.87
C GLY A 58 -11.88 -6.06 14.56
N ASP A 59 -10.94 -5.18 14.84
CA ASP A 59 -11.12 -3.75 14.64
C ASP A 59 -11.07 -3.32 13.19
N THR A 60 -12.00 -3.83 12.39
CA THR A 60 -12.03 -3.54 10.96
C THR A 60 -12.72 -2.25 10.51
N LYS A 61 -13.18 -1.43 11.46
CA LYS A 61 -13.84 -0.18 11.07
C LYS A 61 -13.20 1.05 11.70
N VAL A 62 -12.03 0.88 12.31
CA VAL A 62 -11.31 2.00 12.92
C VAL A 62 -10.42 2.58 11.82
N PRO A 63 -10.62 3.86 11.46
CA PRO A 63 -9.81 4.50 10.41
C PRO A 63 -8.35 4.63 10.77
N PHE A 64 -7.47 4.40 9.80
CA PHE A 64 -6.02 4.54 9.98
C PHE A 64 -5.44 5.03 8.65
N CYS A 65 -4.28 5.69 8.69
CA CYS A 65 -3.66 6.22 7.47
C CYS A 65 -2.95 5.16 6.62
N LEU A 66 -3.13 5.25 5.32
CA LEU A 66 -2.50 4.30 4.40
C LEU A 66 -0.99 4.35 4.54
N GLN A 67 -0.43 5.55 4.58
CA GLN A 67 1.01 5.73 4.69
C GLN A 67 1.64 5.07 3.46
N SER A 68 2.64 4.22 3.63
CA SER A 68 3.25 3.60 2.47
C SER A 68 2.33 2.67 1.70
N CYS A 69 1.20 2.29 2.30
CA CYS A 69 0.28 1.40 1.62
C CYS A 69 -0.32 2.06 0.38
N VAL A 70 -0.21 3.39 0.32
CA VAL A 70 -0.74 4.16 -0.81
C VAL A 70 0.21 4.16 -2.01
N LYS A 71 1.49 3.81 -1.77
CA LYS A 71 2.50 3.80 -2.84
C LYS A 71 2.12 2.94 -4.04
N PRO A 72 1.76 1.66 -3.83
CA PRO A 72 1.38 0.86 -5.00
C PRO A 72 0.15 1.44 -5.72
N LEU A 73 -0.76 2.02 -4.94
CA LEU A 73 -1.97 2.62 -5.49
C LEU A 73 -1.70 3.81 -6.41
N LYS A 74 -0.92 4.78 -5.96
CA LYS A 74 -0.64 5.92 -6.84
C LYS A 74 0.23 5.48 -8.03
N TYR A 75 1.04 4.44 -7.84
CA TYR A 75 1.87 3.93 -8.93
C TYR A 75 0.91 3.38 -9.99
N ALA A 76 -0.09 2.62 -9.53
CA ALA A 76 -1.09 2.03 -10.41
C ALA A 76 -1.78 3.15 -11.20
N ILE A 77 -2.15 4.22 -10.51
CA ILE A 77 -2.82 5.33 -11.18
C ILE A 77 -1.93 5.93 -12.27
N ALA A 78 -0.66 6.14 -11.97
CA ALA A 78 0.27 6.72 -12.95
C ALA A 78 0.39 5.86 -14.20
N VAL A 79 0.63 4.57 -14.00
CA VAL A 79 0.76 3.64 -15.13
C VAL A 79 -0.53 3.69 -15.94
N ASN A 80 -1.66 3.68 -15.24
CA ASN A 80 -2.97 3.72 -15.86
C ASN A 80 -3.17 4.92 -16.80
N ASP A 81 -2.74 6.09 -16.37
CA ASP A 81 -2.91 7.29 -17.18
C ASP A 81 -1.72 7.62 -18.07
N LEU A 82 -0.58 7.00 -17.85
CA LEU A 82 0.58 7.34 -18.65
C LEU A 82 1.28 6.16 -19.33
N GLY A 83 0.95 4.95 -18.89
CA GLY A 83 1.55 3.76 -19.47
C GLY A 83 2.92 3.44 -18.90
N THR A 84 3.29 2.16 -18.99
CA THR A 84 4.57 1.68 -18.47
C THR A 84 5.81 2.44 -18.91
N GLU A 85 5.93 2.69 -20.21
CA GLU A 85 7.10 3.37 -20.77
C GLU A 85 7.41 4.73 -20.18
N TYR A 86 6.41 5.61 -20.16
CA TYR A 86 6.60 6.96 -19.63
C TYR A 86 6.97 6.96 -18.14
N VAL A 87 6.16 6.28 -17.34
CA VAL A 87 6.41 6.23 -15.91
C VAL A 87 7.82 5.74 -15.58
N HIS A 88 8.28 4.74 -16.31
CA HIS A 88 9.60 4.21 -16.02
C HIS A 88 10.79 4.94 -16.61
N ARG A 89 10.54 6.11 -17.19
CA ARG A 89 11.65 6.91 -17.68
C ARG A 89 12.10 7.66 -16.42
N TYR A 90 11.26 7.61 -15.38
CA TYR A 90 11.53 8.30 -14.13
C TYR A 90 11.83 7.42 -12.92
N VAL A 91 11.38 6.18 -12.95
CA VAL A 91 11.61 5.28 -11.82
C VAL A 91 11.93 3.85 -12.24
N GLY A 92 12.79 3.19 -11.45
CA GLY A 92 13.22 1.83 -11.74
C GLY A 92 12.15 0.75 -11.61
N LYS A 93 12.54 -0.51 -11.82
CA LYS A 93 11.60 -1.63 -11.78
C LYS A 93 12.08 -2.75 -10.87
N GLU A 94 12.96 -2.45 -9.92
CA GLU A 94 13.43 -3.53 -9.07
C GLU A 94 13.97 -3.11 -7.71
N PRO A 95 14.10 -4.08 -6.81
CA PRO A 95 14.61 -3.83 -5.46
C PRO A 95 16.08 -3.42 -5.41
N SER A 96 16.46 -2.76 -4.33
CA SER A 96 17.84 -2.34 -4.15
C SER A 96 18.41 -3.02 -2.91
N GLY A 97 19.53 -2.50 -2.42
CA GLY A 97 20.16 -3.06 -1.24
C GLY A 97 19.99 -2.12 -0.05
N LEU A 98 19.43 -2.62 1.04
CA LEU A 98 19.20 -1.84 2.26
C LEU A 98 18.56 -0.48 1.95
N LYS A 102 19.03 3.07 2.17
CA LYS A 102 19.94 4.20 2.02
C LYS A 102 19.36 5.16 0.97
N LEU A 103 19.78 6.42 1.00
CA LEU A 103 19.31 7.41 0.03
C LEU A 103 20.21 7.49 -1.19
N PHE A 104 19.69 7.05 -2.34
CA PHE A 104 20.44 7.08 -3.58
C PHE A 104 19.61 6.64 -4.78
N LEU A 105 20.22 6.69 -5.96
CA LEU A 105 19.57 6.32 -7.20
C LEU A 105 20.31 5.14 -7.80
N ASN A 106 19.80 4.57 -8.88
CA ASN A 106 20.49 3.46 -9.52
C ASN A 106 21.46 3.95 -10.58
N GLU A 107 22.08 3.02 -11.31
CA GLU A 107 23.05 3.38 -12.35
C GLU A 107 22.54 4.36 -13.39
N ASP A 108 21.23 4.56 -13.45
CA ASP A 108 20.65 5.50 -14.41
C ASP A 108 20.15 6.78 -13.75
N ASP A 109 20.55 6.97 -12.49
CA ASP A 109 20.14 8.15 -11.72
C ASP A 109 18.63 8.24 -11.54
N LYS A 110 17.99 7.10 -11.29
CA LYS A 110 16.56 7.03 -11.07
C LYS A 110 16.31 6.27 -9.78
N PRO A 111 15.19 6.57 -9.09
CA PRO A 111 14.89 5.86 -7.85
C PRO A 111 14.78 4.38 -8.21
N HIS A 112 15.26 3.51 -7.33
CA HIS A 112 15.22 2.09 -7.63
C HIS A 112 13.87 1.53 -8.02
N ASN A 113 12.81 1.94 -7.34
CA ASN A 113 11.47 1.45 -7.64
C ASN A 113 10.41 2.35 -7.02
N PRO A 114 9.13 2.16 -7.39
CA PRO A 114 8.04 2.98 -6.85
C PRO A 114 7.72 2.75 -5.37
N MET A 115 8.19 1.65 -4.80
CA MET A 115 7.88 1.37 -3.41
C MET A 115 8.78 2.04 -2.37
N VAL A 116 9.85 2.70 -2.78
CA VAL A 116 10.70 3.37 -1.79
C VAL A 116 10.34 4.84 -1.87
N ASN A 117 10.62 5.57 -0.81
CA ASN A 117 10.24 6.99 -0.77
C ASN A 117 10.62 7.79 -2.00
N ALA A 118 11.89 7.77 -2.37
CA ALA A 118 12.37 8.54 -3.52
C ALA A 118 11.54 8.23 -4.77
N GLY A 119 11.19 6.97 -4.93
CA GLY A 119 10.40 6.58 -6.09
C GLY A 119 8.99 7.09 -5.99
N ALA A 120 8.38 6.93 -4.82
CA ALA A 120 7.01 7.37 -4.60
C ALA A 120 6.93 8.87 -4.85
N ILE A 121 7.93 9.62 -4.40
CA ILE A 121 7.94 11.06 -4.61
C ILE A 121 7.96 11.41 -6.10
N VAL A 122 8.78 10.69 -6.87
CA VAL A 122 8.85 10.92 -8.32
C VAL A 122 7.52 10.51 -8.98
N VAL A 123 6.97 9.37 -8.57
CA VAL A 123 5.70 8.91 -9.13
C VAL A 123 4.64 10.00 -8.88
N THR A 124 4.65 10.55 -7.67
CA THR A 124 3.72 11.61 -7.29
C THR A 124 3.82 12.83 -8.20
N SER A 125 5.00 13.10 -8.76
CA SER A 125 5.15 14.26 -9.65
C SER A 125 4.67 13.99 -11.06
N LEU A 126 4.26 12.76 -11.33
CA LEU A 126 3.80 12.40 -12.67
C LEU A 126 2.28 12.47 -12.81
N ILE A 127 1.57 12.26 -11.70
CA ILE A 127 0.11 12.26 -11.70
C ILE A 127 -0.55 13.62 -11.94
N LYS A 128 -1.55 13.61 -12.81
CA LYS A 128 -2.33 14.79 -13.17
C LYS A 128 -1.48 16.06 -13.23
N GLN A 129 -0.41 16.03 -14.03
CA GLN A 129 0.47 17.19 -14.15
C GLN A 129 -0.26 18.40 -14.71
N GLY A 130 0.17 19.59 -14.31
CA GLY A 130 -0.45 20.81 -14.81
C GLY A 130 -1.41 21.47 -13.83
N VAL A 131 -2.42 20.73 -13.39
CA VAL A 131 -3.41 21.26 -12.46
C VAL A 131 -2.79 21.57 -11.09
N ASN A 132 -3.58 22.16 -10.19
CA ASN A 132 -3.10 22.49 -8.86
C ASN A 132 -3.27 21.31 -7.91
N ASN A 133 -2.65 21.41 -6.74
CA ASN A 133 -2.69 20.36 -5.74
C ASN A 133 -4.09 19.94 -5.33
N ALA A 134 -5.00 20.91 -5.21
CA ALA A 134 -6.38 20.59 -4.82
C ALA A 134 -7.01 19.68 -5.86
N GLU A 135 -6.78 19.99 -7.14
CA GLU A 135 -7.34 19.18 -8.21
C GLU A 135 -6.66 17.82 -8.26
N LYS A 136 -5.35 17.82 -8.03
CA LYS A 136 -4.59 16.56 -8.03
C LYS A 136 -5.12 15.67 -6.91
N PHE A 137 -5.16 16.22 -5.70
CA PHE A 137 -5.63 15.46 -4.56
C PHE A 137 -7.02 14.91 -4.78
N ASP A 138 -7.89 15.75 -5.32
CA ASP A 138 -9.26 15.35 -5.58
C ASP A 138 -9.32 14.21 -6.60
N TYR A 139 -8.49 14.33 -7.63
CA TYR A 139 -8.43 13.34 -8.68
C TYR A 139 -8.09 11.95 -8.14
N VAL A 140 -7.09 11.89 -7.26
CA VAL A 140 -6.68 10.63 -6.67
C VAL A 140 -7.76 10.08 -5.74
N MET A 141 -8.40 10.97 -4.97
CA MET A 141 -9.47 10.56 -4.07
C MET A 141 -10.57 9.91 -4.91
N GLN A 142 -10.80 10.46 -6.09
CA GLN A 142 -11.80 9.93 -7.01
C GLN A 142 -11.43 8.46 -7.26
N PHE A 143 -10.20 8.27 -7.72
CA PHE A 143 -9.66 6.95 -8.03
C PHE A 143 -9.78 5.97 -6.88
N LEU A 144 -9.36 6.39 -5.70
CA LEU A 144 -9.41 5.52 -4.52
C LEU A 144 -10.84 5.16 -4.16
N ASN A 145 -11.79 6.06 -4.43
CA ASN A 145 -13.20 5.77 -4.14
C ASN A 145 -13.63 4.63 -5.06
N LYS A 146 -13.28 4.72 -6.34
CA LYS A 146 -13.63 3.68 -7.30
C LYS A 146 -12.98 2.35 -6.94
N MET A 147 -11.73 2.40 -6.48
CA MET A 147 -11.04 1.17 -6.11
C MET A 147 -11.68 0.55 -4.88
N ALA A 148 -12.17 1.41 -3.99
CA ALA A 148 -12.80 0.97 -2.76
C ALA A 148 -14.29 0.68 -2.92
N GLY A 149 -14.81 0.86 -4.14
CA GLY A 149 -16.22 0.64 -4.37
C GLY A 149 -17.04 1.60 -3.54
N ASN A 150 -16.51 2.81 -3.38
CA ASN A 150 -17.13 3.89 -2.62
C ASN A 150 -17.18 3.71 -1.11
N GLU A 151 -16.47 2.72 -0.57
CA GLU A 151 -16.46 2.56 0.87
C GLU A 151 -15.54 3.62 1.49
N TYR A 152 -15.34 3.54 2.80
CA TYR A 152 -14.55 4.53 3.54
C TYR A 152 -13.18 4.95 2.98
N VAL A 153 -13.08 6.23 2.65
CA VAL A 153 -11.84 6.83 2.18
C VAL A 153 -11.80 8.26 2.72
N GLY A 154 -11.12 8.42 3.86
CA GLY A 154 -11.03 9.74 4.47
C GLY A 154 -9.67 10.40 4.37
N PHE A 155 -9.44 11.39 5.24
CA PHE A 155 -8.18 12.13 5.26
C PHE A 155 -7.85 12.58 6.67
N SER A 156 -6.56 12.56 7.02
CA SER A 156 -6.11 12.96 8.34
C SER A 156 -5.25 14.22 8.26
N ASN A 157 -5.85 15.37 8.53
CA ASN A 157 -5.14 16.63 8.48
C ASN A 157 -4.03 16.70 9.54
N ALA A 158 -4.28 16.11 10.70
CA ALA A 158 -3.28 16.10 11.78
C ALA A 158 -2.04 15.34 11.33
N THR A 159 -2.26 14.20 10.69
CA THR A 159 -1.17 13.40 10.19
C THR A 159 -0.41 14.21 9.14
N PHE A 160 -1.14 14.73 8.16
CA PHE A 160 -0.55 15.54 7.11
C PHE A 160 0.34 16.64 7.67
N GLN A 161 -0.20 17.43 8.61
CA GLN A 161 0.56 18.53 9.21
C GLN A 161 1.83 18.05 9.93
N SER A 162 1.73 16.93 10.66
CA SER A 162 2.87 16.37 11.37
C SER A 162 3.91 15.78 10.42
N GLU A 163 3.43 15.09 9.37
CA GLU A 163 4.29 14.47 8.39
C GLU A 163 5.16 15.52 7.72
N ARG A 164 4.54 16.59 7.26
CA ARG A 164 5.24 17.67 6.61
C ARG A 164 6.21 18.41 7.54
N GLU A 165 5.77 18.75 8.73
CA GLU A 165 6.61 19.47 9.68
C GLU A 165 7.74 18.66 10.29
N SER A 166 7.77 17.35 10.05
CA SER A 166 8.85 16.55 10.60
C SER A 166 9.54 15.68 9.54
N GLY A 167 9.21 15.88 8.27
CA GLY A 167 9.81 15.09 7.21
C GLY A 167 11.10 15.63 6.63
N ASP A 168 12.11 15.82 7.48
CA ASP A 168 13.40 16.33 7.04
C ASP A 168 14.05 15.40 6.02
N ARG A 169 13.93 14.09 6.24
CA ARG A 169 14.53 13.14 5.31
C ARG A 169 13.85 13.18 3.95
N ASN A 170 12.52 13.31 3.91
CA ASN A 170 11.82 13.38 2.63
C ASN A 170 12.17 14.68 1.92
N PHE A 171 12.43 15.74 2.68
CA PHE A 171 12.81 17.00 2.05
C PHE A 171 14.21 16.87 1.46
N ALA A 172 15.08 16.13 2.14
CA ALA A 172 16.44 15.93 1.67
C ALA A 172 16.35 15.16 0.37
N ILE A 173 15.50 14.13 0.35
CA ILE A 173 15.32 13.32 -0.84
C ILE A 173 14.78 14.22 -1.94
N GLY A 174 13.87 15.12 -1.57
CA GLY A 174 13.28 16.03 -2.52
C GLY A 174 14.32 16.87 -3.24
N TYR A 175 15.12 17.62 -2.47
CA TYR A 175 16.16 18.46 -3.06
C TYR A 175 17.16 17.63 -3.84
N TYR A 176 17.46 16.43 -3.36
CA TYR A 176 18.40 15.56 -4.04
C TYR A 176 17.89 15.17 -5.44
N LEU A 177 16.64 14.76 -5.52
CA LEU A 177 16.02 14.37 -6.79
C LEU A 177 15.97 15.55 -7.75
N LYS A 178 15.76 16.74 -7.20
CA LYS A 178 15.71 17.96 -8.01
C LYS A 178 17.09 18.22 -8.60
N GLU A 179 18.11 17.99 -7.79
CA GLU A 179 19.50 18.20 -8.20
C GLU A 179 19.91 17.23 -9.30
N LYS A 180 19.47 15.98 -9.18
CA LYS A 180 19.76 14.94 -10.16
C LYS A 180 18.78 14.97 -11.34
N LYS A 181 17.96 16.01 -11.42
CA LYS A 181 17.00 16.16 -12.51
C LYS A 181 16.11 14.93 -12.67
N CYS A 182 15.50 14.48 -11.58
CA CYS A 182 14.63 13.31 -11.62
C CYS A 182 13.14 13.61 -11.85
N PHE A 183 12.77 14.89 -11.84
CA PHE A 183 11.37 15.27 -12.03
C PHE A 183 11.13 15.77 -13.45
N PRO A 184 9.86 15.76 -13.90
CA PRO A 184 9.52 16.23 -15.24
C PRO A 184 9.77 17.74 -15.30
N GLU A 185 9.95 18.25 -16.52
CA GLU A 185 10.20 19.67 -16.75
C GLU A 185 9.19 20.60 -16.03
N GLY A 186 9.72 21.59 -15.32
CA GLY A 186 8.87 22.55 -14.62
C GLY A 186 8.11 22.07 -13.41
N THR A 187 8.70 21.16 -12.65
CA THR A 187 8.04 20.63 -11.46
C THR A 187 8.35 21.49 -10.23
N ASP A 188 7.31 21.74 -9.44
CA ASP A 188 7.47 22.48 -8.18
C ASP A 188 7.72 21.40 -7.13
N MET A 189 8.99 21.12 -6.88
CA MET A 189 9.36 20.06 -5.94
C MET A 189 8.68 20.16 -4.57
N VAL A 190 8.73 21.33 -3.96
CA VAL A 190 8.10 21.50 -2.66
C VAL A 190 6.59 21.23 -2.73
N GLY A 191 5.98 21.56 -3.87
CA GLY A 191 4.55 21.33 -4.03
C GLY A 191 4.28 19.84 -4.12
N ILE A 192 5.18 19.10 -4.76
CA ILE A 192 5.03 17.66 -4.89
C ILE A 192 5.20 16.97 -3.54
N LEU A 193 6.11 17.43 -2.71
CA LEU A 193 6.29 16.81 -1.40
C LEU A 193 5.00 17.01 -0.60
N ASP A 194 4.40 18.17 -0.76
CA ASP A 194 3.17 18.49 -0.05
C ASP A 194 2.10 17.49 -0.45
N PHE A 195 1.97 17.29 -1.77
CA PHE A 195 1.02 16.35 -2.33
C PHE A 195 1.36 14.96 -1.77
N TYR A 196 2.65 14.64 -1.72
CA TYR A 196 3.12 13.36 -1.21
C TYR A 196 2.68 13.11 0.24
N PHE A 197 2.86 14.12 1.10
CA PHE A 197 2.47 14.03 2.50
C PHE A 197 0.96 13.83 2.63
N GLN A 198 0.20 14.52 1.79
CA GLN A 198 -1.24 14.40 1.80
C GLN A 198 -1.66 12.97 1.45
N LEU A 199 -1.10 12.43 0.37
CA LEU A 199 -1.42 11.06 -0.04
C LEU A 199 -1.13 10.06 1.09
N CYS A 200 -0.08 10.31 1.84
CA CYS A 200 0.30 9.43 2.95
C CYS A 200 -0.72 9.53 4.06
N SER A 201 -1.45 10.65 4.07
CA SER A 201 -2.42 10.88 5.13
C SER A 201 -3.85 10.42 4.85
N ILE A 202 -4.10 9.86 3.68
CA ILE A 202 -5.43 9.37 3.35
C ILE A 202 -5.78 8.22 4.29
N GLU A 203 -7.00 8.25 4.82
CA GLU A 203 -7.46 7.21 5.76
C GLU A 203 -8.41 6.19 5.17
N VAL A 204 -8.34 4.98 5.70
CA VAL A 204 -9.19 3.90 5.25
C VAL A 204 -9.45 3.03 6.44
N THR A 205 -10.20 1.95 6.24
CA THR A 205 -10.47 0.98 7.30
C THR A 205 -10.07 -0.34 6.64
N CYS A 206 -9.90 -1.39 7.44
CA CYS A 206 -9.55 -2.67 6.87
C CYS A 206 -10.57 -3.04 5.80
N GLU A 207 -11.84 -2.74 6.07
CA GLU A 207 -12.91 -3.10 5.13
C GLU A 207 -12.84 -2.42 3.79
N SER A 208 -12.66 -1.10 3.77
CA SER A 208 -12.57 -0.41 2.49
C SER A 208 -11.25 -0.71 1.78
N ALA A 209 -10.19 -0.95 2.54
CA ALA A 209 -8.88 -1.23 1.97
C ALA A 209 -8.87 -2.61 1.31
N SER A 210 -9.52 -3.57 1.95
CA SER A 210 -9.58 -4.93 1.41
C SER A 210 -10.26 -4.93 0.05
N VAL A 211 -11.16 -3.97 -0.17
CA VAL A 211 -11.86 -3.90 -1.44
C VAL A 211 -10.89 -3.35 -2.48
N MET A 212 -10.03 -2.42 -2.07
CA MET A 212 -9.05 -1.85 -2.98
C MET A 212 -8.10 -2.98 -3.42
N ALA A 213 -7.70 -3.81 -2.46
CA ALA A 213 -6.82 -4.93 -2.74
C ALA A 213 -7.51 -5.90 -3.69
N ALA A 214 -8.79 -6.14 -3.43
CA ALA A 214 -9.59 -7.06 -4.24
C ALA A 214 -9.65 -6.56 -5.68
N THR A 215 -9.67 -5.25 -5.87
CA THR A 215 -9.70 -4.71 -7.21
C THR A 215 -8.41 -5.09 -7.96
N LEU A 216 -7.28 -5.02 -7.27
CA LEU A 216 -6.00 -5.37 -7.87
C LEU A 216 -5.98 -6.89 -8.13
N ALA A 217 -6.65 -7.63 -7.26
CA ALA A 217 -6.71 -9.08 -7.39
C ALA A 217 -7.66 -9.49 -8.50
N ASN A 218 -8.56 -8.58 -8.87
CA ASN A 218 -9.55 -8.85 -9.89
C ASN A 218 -9.23 -8.17 -11.20
N GLY A 219 -7.96 -8.27 -11.62
CA GLY A 219 -7.51 -7.68 -12.85
C GLY A 219 -7.91 -6.23 -13.08
N GLY A 220 -8.07 -5.46 -12.01
CA GLY A 220 -8.43 -4.06 -12.17
C GLY A 220 -9.92 -3.72 -12.11
N PHE A 221 -10.75 -4.72 -11.82
CA PHE A 221 -12.19 -4.48 -11.70
C PHE A 221 -12.61 -4.52 -10.25
N CYS A 222 -13.33 -3.50 -9.81
CA CYS A 222 -13.79 -3.48 -8.42
C CYS A 222 -14.84 -4.58 -8.28
N PRO A 223 -14.57 -5.60 -7.44
CA PRO A 223 -15.49 -6.72 -7.23
C PRO A 223 -16.87 -6.41 -6.64
N ILE A 224 -17.10 -5.18 -6.18
CA ILE A 224 -18.41 -4.87 -5.62
C ILE A 224 -19.20 -3.85 -6.43
N THR A 225 -18.72 -3.53 -7.63
CA THR A 225 -19.40 -2.60 -8.53
C THR A 225 -19.19 -3.05 -9.98
N GLY A 226 -18.23 -3.94 -10.18
CA GLY A 226 -17.93 -4.44 -11.51
C GLY A 226 -17.24 -3.46 -12.44
N GLU A 227 -17.06 -2.21 -11.99
CA GLU A 227 -16.41 -1.20 -12.82
C GLU A 227 -14.93 -1.42 -13.04
N ARG A 228 -14.46 -1.02 -14.22
CA ARG A 228 -13.05 -1.12 -14.57
C ARG A 228 -12.41 0.13 -14.01
N VAL A 229 -11.47 -0.05 -13.08
CA VAL A 229 -10.79 1.07 -12.45
C VAL A 229 -9.38 1.30 -12.97
N LEU A 230 -8.61 0.21 -13.07
CA LEU A 230 -7.24 0.28 -13.54
C LEU A 230 -7.04 -0.58 -14.77
N SER A 231 -6.09 -0.18 -15.62
CA SER A 231 -5.79 -0.94 -16.83
C SER A 231 -5.03 -2.21 -16.44
N PRO A 232 -5.21 -3.30 -17.21
CA PRO A 232 -4.54 -4.58 -16.94
C PRO A 232 -3.03 -4.40 -16.78
N GLU A 233 -2.45 -3.52 -17.60
CA GLU A 233 -1.03 -3.22 -17.57
C GLU A 233 -0.68 -2.67 -16.18
N ALA A 234 -1.45 -1.68 -15.75
CA ALA A 234 -1.27 -1.05 -14.45
C ALA A 234 -1.29 -2.08 -13.33
N VAL A 235 -2.31 -2.93 -13.33
CA VAL A 235 -2.42 -3.94 -12.28
C VAL A 235 -1.23 -4.89 -12.28
N ARG A 236 -0.85 -5.40 -13.44
CA ARG A 236 0.29 -6.33 -13.54
C ARG A 236 1.58 -5.70 -13.01
N ASN A 237 1.88 -4.48 -13.45
CA ASN A 237 3.10 -3.80 -13.00
C ASN A 237 3.09 -3.66 -11.46
N THR A 238 1.96 -3.19 -10.93
CA THR A 238 1.81 -2.97 -9.51
C THR A 238 2.05 -4.24 -8.71
N LEU A 239 1.44 -5.33 -9.13
CA LEU A 239 1.61 -6.60 -8.42
C LEU A 239 3.05 -7.09 -8.46
N SER A 240 3.73 -6.94 -9.60
CA SER A 240 5.13 -7.38 -9.73
C SER A 240 5.98 -6.66 -8.69
N LEU A 241 5.83 -5.33 -8.64
CA LEU A 241 6.58 -4.53 -7.70
C LEU A 241 6.19 -4.75 -6.24
N MET A 242 4.93 -5.12 -6.00
CA MET A 242 4.50 -5.39 -4.63
C MET A 242 5.10 -6.72 -4.20
N HIS A 243 5.27 -7.61 -5.17
CA HIS A 243 5.84 -8.92 -4.87
C HIS A 243 7.31 -8.84 -4.49
N SER A 244 8.05 -7.93 -5.11
CA SER A 244 9.46 -7.79 -4.82
C SER A 244 9.92 -6.61 -3.95
N CYS A 245 9.10 -5.58 -3.81
CA CYS A 245 9.52 -4.41 -3.03
C CYS A 245 8.48 -3.87 -2.05
N GLY A 246 7.51 -4.69 -1.68
CA GLY A 246 6.45 -4.17 -0.81
C GLY A 246 6.56 -4.24 0.69
N MET A 247 7.54 -4.99 1.20
CA MET A 247 7.69 -5.14 2.63
C MET A 247 8.99 -4.56 3.19
N TYR A 248 9.42 -3.42 2.66
CA TYR A 248 10.67 -2.80 3.13
C TYR A 248 11.77 -3.85 2.97
N ASP A 249 12.69 -3.91 3.95
CA ASP A 249 13.80 -4.87 3.90
C ASP A 249 13.40 -6.31 4.15
N PHE A 250 12.11 -6.55 4.36
CA PHE A 250 11.67 -7.92 4.62
C PHE A 250 11.12 -8.50 3.30
N SER A 251 11.10 -7.69 2.25
CA SER A 251 10.58 -8.11 0.94
C SER A 251 11.15 -9.43 0.43
N GLY A 252 12.47 -9.58 0.51
CA GLY A 252 13.11 -10.80 0.06
C GLY A 252 12.52 -12.04 0.71
N GLN A 253 12.52 -12.05 2.05
CA GLN A 253 12.00 -13.18 2.80
C GLN A 253 10.50 -13.34 2.67
N PHE A 254 9.80 -12.23 2.52
CA PHE A 254 8.35 -12.31 2.38
C PHE A 254 8.08 -13.03 1.05
N ALA A 255 8.75 -12.59 -0.01
CA ALA A 255 8.57 -13.19 -1.33
C ALA A 255 8.92 -14.68 -1.30
N PHE A 256 9.93 -15.02 -0.51
CA PHE A 256 10.33 -16.41 -0.42
C PHE A 256 9.38 -17.31 0.35
N HIS A 257 8.99 -16.89 1.55
CA HIS A 257 8.11 -17.68 2.41
C HIS A 257 6.61 -17.49 2.21
N VAL A 258 6.21 -16.33 1.69
CA VAL A 258 4.78 -16.07 1.49
C VAL A 258 4.42 -16.04 0.02
N GLY A 259 5.25 -15.38 -0.78
CA GLY A 259 5.03 -15.32 -2.22
C GLY A 259 3.73 -14.69 -2.69
N LEU A 260 3.33 -13.60 -2.04
CA LEU A 260 2.11 -12.89 -2.45
C LEU A 260 2.39 -11.41 -2.56
N PRO A 261 1.75 -10.73 -3.52
CA PRO A 261 1.96 -9.28 -3.67
C PRO A 261 1.45 -8.60 -2.40
N ALA A 262 2.27 -7.74 -1.79
CA ALA A 262 1.85 -7.07 -0.57
C ALA A 262 2.56 -5.75 -0.35
N LYS A 263 1.97 -4.89 0.49
CA LYS A 263 2.57 -3.60 0.78
C LYS A 263 2.24 -3.23 2.21
N SER A 264 3.28 -3.02 3.01
CA SER A 264 3.07 -2.64 4.40
C SER A 264 3.21 -1.11 4.56
N GLY A 265 2.71 -0.62 5.69
CA GLY A 265 2.76 0.81 6.00
C GLY A 265 3.14 0.97 7.47
N VAL A 266 3.65 2.15 7.82
CA VAL A 266 4.08 2.43 9.19
C VAL A 266 2.90 2.50 10.16
N ALA A 267 1.70 2.70 9.62
CA ALA A 267 0.50 2.77 10.45
C ALA A 267 0.17 1.37 10.97
N GLY A 268 0.82 0.36 10.41
CA GLY A 268 0.57 -1.01 10.84
C GLY A 268 -0.23 -1.83 9.84
N GLY A 269 -0.58 -1.23 8.71
CA GLY A 269 -1.34 -1.97 7.74
C GLY A 269 -0.50 -2.82 6.78
N ILE A 270 -1.17 -3.80 6.17
CA ILE A 270 -0.54 -4.67 5.19
C ILE A 270 -1.59 -4.95 4.13
N LEU A 271 -1.42 -4.31 2.98
CA LEU A 271 -2.32 -4.49 1.84
C LEU A 271 -1.87 -5.81 1.16
N LEU A 272 -2.68 -6.86 1.28
CA LEU A 272 -2.36 -8.16 0.70
C LEU A 272 -3.21 -8.50 -0.50
N VAL A 273 -2.62 -9.20 -1.47
CA VAL A 273 -3.34 -9.58 -2.67
C VAL A 273 -3.08 -11.03 -3.08
N VAL A 274 -4.16 -11.76 -3.34
CA VAL A 274 -4.10 -13.14 -3.79
C VAL A 274 -4.76 -13.07 -5.16
N PRO A 275 -3.96 -12.94 -6.23
CA PRO A 275 -4.43 -12.84 -7.61
C PRO A 275 -5.58 -13.77 -7.98
N ASN A 276 -6.60 -13.20 -8.60
CA ASN A 276 -7.78 -13.94 -9.03
C ASN A 276 -8.49 -14.67 -7.89
N VAL A 277 -8.27 -14.23 -6.65
CA VAL A 277 -8.94 -14.87 -5.53
C VAL A 277 -9.54 -13.87 -4.56
N MET A 278 -8.70 -13.05 -3.95
CA MET A 278 -9.19 -12.07 -2.98
C MET A 278 -8.20 -10.96 -2.66
N GLY A 279 -8.72 -9.96 -1.96
CA GLY A 279 -7.93 -8.83 -1.51
C GLY A 279 -8.04 -8.81 0.00
N MET A 280 -7.01 -8.33 0.68
CA MET A 280 -7.03 -8.29 2.14
C MET A 280 -6.30 -7.10 2.72
N MET A 281 -6.68 -6.76 3.94
CA MET A 281 -6.05 -5.67 4.67
C MET A 281 -5.95 -6.11 6.11
N CYS A 282 -4.71 -6.24 6.58
CA CYS A 282 -4.41 -6.63 7.94
C CYS A 282 -3.94 -5.36 8.59
N TRP A 283 -4.35 -5.12 9.82
CA TRP A 283 -3.92 -3.92 10.50
C TRP A 283 -3.68 -4.14 11.98
N SER A 284 -2.54 -3.68 12.45
CA SER A 284 -2.18 -3.79 13.85
C SER A 284 -0.92 -2.94 14.02
N PRO A 285 -1.05 -1.78 14.68
CA PRO A 285 -0.03 -0.77 14.96
C PRO A 285 1.38 -1.24 15.38
N PRO A 286 1.47 -2.27 16.22
CA PRO A 286 2.83 -2.70 16.62
C PRO A 286 3.66 -3.23 15.44
N LEU A 287 4.79 -2.57 15.17
CA LEU A 287 5.68 -2.96 14.07
C LEU A 287 6.93 -3.66 14.59
N ASP A 288 7.56 -4.46 13.74
CA ASP A 288 8.80 -5.14 14.12
C ASP A 288 9.99 -4.29 13.66
N LYS A 289 11.21 -4.77 13.92
CA LYS A 289 12.42 -4.05 13.52
C LYS A 289 12.40 -3.64 12.05
N MET A 290 11.79 -4.48 11.20
CA MET A 290 11.71 -4.22 9.76
C MET A 290 10.68 -3.16 9.38
N GLY A 291 9.81 -2.81 10.33
CA GLY A 291 8.78 -1.82 10.07
C GLY A 291 7.44 -2.42 9.64
N ASN A 292 7.29 -3.74 9.79
CA ASN A 292 6.05 -4.41 9.40
C ASN A 292 5.21 -4.83 10.60
N SER A 293 3.90 -4.70 10.47
CA SER A 293 2.98 -5.10 11.53
C SER A 293 3.30 -6.53 11.99
N VAL A 294 3.60 -6.70 13.27
CA VAL A 294 3.93 -8.02 13.81
C VAL A 294 2.78 -9.02 13.63
N LYS A 295 1.59 -8.66 14.07
CA LYS A 295 0.44 -9.55 13.93
C LYS A 295 0.18 -9.80 12.45
N GLY A 296 0.39 -8.77 11.64
CA GLY A 296 0.19 -8.89 10.21
C GLY A 296 1.09 -9.92 9.55
N ILE A 297 2.40 -9.81 9.81
CA ILE A 297 3.36 -10.75 9.23
C ILE A 297 3.03 -12.16 9.70
N HIS A 298 2.79 -12.33 10.99
CA HIS A 298 2.47 -13.65 11.52
C HIS A 298 1.25 -14.23 10.77
N PHE A 299 0.20 -13.43 10.65
CA PHE A 299 -1.01 -13.86 9.96
C PHE A 299 -0.71 -14.30 8.52
N CYS A 300 0.01 -13.48 7.77
CA CYS A 300 0.33 -13.80 6.38
C CYS A 300 1.04 -15.14 6.25
N HIS A 301 1.99 -15.42 7.14
CA HIS A 301 2.70 -16.69 7.10
C HIS A 301 1.71 -17.84 7.27
N ASP A 302 0.87 -17.75 8.29
CA ASP A 302 -0.13 -18.77 8.56
C ASP A 302 -1.10 -18.97 7.40
N LEU A 303 -1.53 -17.87 6.79
CA LEU A 303 -2.48 -17.92 5.68
C LEU A 303 -1.97 -18.76 4.51
N VAL A 304 -0.71 -18.55 4.14
CA VAL A 304 -0.09 -19.27 3.05
C VAL A 304 0.20 -20.71 3.41
N SER A 305 0.63 -20.93 4.66
CA SER A 305 0.96 -22.28 5.12
C SER A 305 -0.28 -23.05 5.54
N LEU A 306 -1.44 -22.61 5.06
CA LEU A 306 -2.70 -23.26 5.38
C LEU A 306 -3.54 -23.46 4.13
N CYS A 307 -3.67 -22.39 3.35
CA CYS A 307 -4.47 -22.44 2.14
C CYS A 307 -3.66 -22.57 0.86
N ASN A 308 -2.38 -22.87 0.99
CA ASN A 308 -1.49 -23.04 -0.15
C ASN A 308 -1.73 -21.95 -1.21
N PHE A 309 -1.53 -20.70 -0.80
CA PHE A 309 -1.72 -19.55 -1.68
C PHE A 309 -0.41 -19.03 -2.28
N HIS A 310 0.72 -19.53 -1.78
CA HIS A 310 2.05 -19.11 -2.28
C HIS A 310 2.08 -19.11 -3.80
N ASN A 311 2.67 -18.06 -4.36
CA ASN A 311 2.80 -17.91 -5.80
C ASN A 311 3.22 -19.20 -6.51
N TYR A 312 4.13 -19.95 -5.90
CA TYR A 312 4.61 -21.18 -6.50
C TYR A 312 4.29 -22.46 -5.72
N ASP A 313 3.05 -22.56 -5.24
CA ASP A 313 2.61 -23.74 -4.50
C ASP A 313 1.99 -24.74 -5.47
#